data_6WSH
#
_entry.id   6WSH
#
_cell.length_a   54.539
_cell.length_b   85.688
_cell.length_c   97.456
_cell.angle_alpha   90.000
_cell.angle_beta   90.000
_cell.angle_gamma   90.000
#
_symmetry.space_group_name_H-M   'P 21 21 21'
#
loop_
_entity.id
_entity.type
_entity.pdbx_description
1 polymer 'Response regulator'
2 non-polymer 'MAGNESIUM ION'
3 non-polymer 'SODIUM ION'
4 non-polymer GLYCEROL
5 water water
#
_entity_poly.entity_id   1
_entity_poly.type   'polypeptide(L)'
_entity_poly.pdbx_seq_one_letter_code
;SNMDGRIVIVDDEPITRLDIRDIVIEAGYEVVGEAADGFEAIEVCKKTQPDLVLMDIQMPILDGLKAGKKIVQDQLASSI
VFLSAYSDVQNTDKAKKLGALGYLVKPLDEKSLIPTIEMSIERGKQTQLLLSQIDKLSLKLEERKIIEKAKGILVKENHI
SEEEAYQMLRTLSMNKRARMSEIAELIVMDDE
;
_entity_poly.pdbx_strand_id   A,B
#
loop_
_chem_comp.id
_chem_comp.type
_chem_comp.name
_chem_comp.formula
GOL non-polymer GLYCEROL 'C3 H8 O3'
MG non-polymer 'MAGNESIUM ION' 'Mg 2'
NA non-polymer 'SODIUM ION' 'Na 1'
#
# COMPACT_ATOMS: atom_id res chain seq x y z
N ASN A 2 14.38 -5.79 -22.12
CA ASN A 2 15.12 -4.80 -21.35
C ASN A 2 14.22 -4.13 -20.32
N MET A 3 14.54 -4.34 -19.04
CA MET A 3 13.81 -3.84 -17.88
C MET A 3 14.35 -2.49 -17.41
N ASP A 4 13.55 -1.83 -16.57
CA ASP A 4 13.92 -0.55 -16.00
C ASP A 4 13.84 -0.57 -14.47
N GLY A 5 14.87 -0.01 -13.82
CA GLY A 5 14.88 0.10 -12.37
C GLY A 5 16.27 0.27 -11.77
N ARG A 6 16.35 0.95 -10.63
CA ARG A 6 17.60 1.18 -9.91
C ARG A 6 17.68 0.27 -8.68
N ILE A 7 18.72 -0.57 -8.64
CA ILE A 7 18.84 -1.65 -7.66
C ILE A 7 20.13 -1.52 -6.86
N VAL A 8 20.04 -1.76 -5.55
CA VAL A 8 21.18 -2.01 -4.68
C VAL A 8 21.23 -3.49 -4.29
N ILE A 9 22.40 -4.10 -4.43
CA ILE A 9 22.64 -5.51 -4.12
C ILE A 9 23.46 -5.62 -2.84
N VAL A 10 22.88 -6.30 -1.84
CA VAL A 10 23.44 -6.41 -0.49
C VAL A 10 23.62 -7.90 -0.17
N ASP A 11 24.89 -8.33 -0.13
CA ASP A 11 25.25 -9.70 0.23
C ASP A 11 26.72 -9.69 0.66
N ASP A 12 27.05 -10.45 1.72
CA ASP A 12 28.44 -10.50 2.18
C ASP A 12 29.36 -11.27 1.24
N GLU A 13 28.82 -12.21 0.47
CA GLU A 13 29.58 -12.97 -0.53
C GLU A 13 29.84 -12.24 -1.86
N PRO A 14 31.09 -11.90 -2.18
CA PRO A 14 31.35 -11.25 -3.48
C PRO A 14 30.87 -12.03 -4.69
N ILE A 15 30.99 -13.35 -4.68
CA ILE A 15 30.55 -14.12 -5.84
C ILE A 15 29.04 -14.07 -6.01
N THR A 16 28.30 -14.13 -4.90
CA THR A 16 26.85 -14.03 -5.03
C THR A 16 26.41 -12.64 -5.47
N ARG A 17 27.06 -11.59 -4.94
CA ARG A 17 26.79 -10.26 -5.45
C ARG A 17 27.04 -10.18 -6.95
N LEU A 18 28.17 -10.74 -7.40
CA LEU A 18 28.49 -10.68 -8.82
C LEU A 18 27.51 -11.48 -9.68
N ASP A 19 27.10 -12.67 -9.22
CA ASP A 19 26.13 -13.44 -9.98
C ASP A 19 24.82 -12.68 -10.14
N ILE A 20 24.31 -12.11 -9.05
CA ILE A 20 23.08 -11.32 -9.13
C ILE A 20 23.27 -10.07 -9.99
N ARG A 21 24.40 -9.39 -9.82
CA ARG A 21 24.70 -8.22 -10.65
C ARG A 21 24.66 -8.56 -12.14
N ASP A 22 25.31 -9.67 -12.52
CA ASP A 22 25.29 -10.04 -13.93
C ASP A 22 23.88 -10.31 -14.42
N ILE A 23 23.07 -11.01 -13.61
CA ILE A 23 21.69 -11.26 -14.04
C ILE A 23 20.91 -9.95 -14.22
N VAL A 24 20.93 -9.08 -13.21
CA VAL A 24 20.08 -7.89 -13.34
C VAL A 24 20.61 -6.90 -14.38
N ILE A 25 21.93 -6.83 -14.59
CA ILE A 25 22.45 -5.99 -15.66
C ILE A 25 22.08 -6.55 -17.03
N GLU A 26 22.20 -7.86 -17.23
CA GLU A 26 21.76 -8.42 -18.50
C GLU A 26 20.29 -8.13 -18.75
N ALA A 27 19.46 -8.15 -17.70
CA ALA A 27 18.04 -7.82 -17.85
C ALA A 27 17.79 -6.35 -18.13
N GLY A 28 18.77 -5.48 -17.86
CA GLY A 28 18.68 -4.07 -18.17
C GLY A 28 18.55 -3.13 -16.99
N TYR A 29 18.45 -3.64 -15.77
CA TYR A 29 18.42 -2.78 -14.60
C TYR A 29 19.77 -2.08 -14.35
N GLU A 30 19.69 -0.91 -13.71
CA GLU A 30 20.87 -0.20 -13.21
C GLU A 30 21.17 -0.59 -11.76
N VAL A 31 22.31 -1.23 -11.54
CA VAL A 31 22.86 -1.42 -10.21
C VAL A 31 23.52 -0.12 -9.75
N VAL A 32 22.89 0.55 -8.79
CA VAL A 32 23.38 1.84 -8.31
C VAL A 32 24.31 1.73 -7.10
N GLY A 33 24.36 0.58 -6.44
CA GLY A 33 25.32 0.41 -5.35
C GLY A 33 25.24 -1.01 -4.81
N GLU A 34 26.27 -1.34 -4.01
CA GLU A 34 26.41 -2.67 -3.41
C GLU A 34 26.98 -2.57 -2.00
N ALA A 35 26.65 -3.58 -1.17
CA ALA A 35 27.09 -3.59 0.22
C ALA A 35 27.30 -5.01 0.70
N ALA A 36 28.14 -5.14 1.74
CA ALA A 36 28.47 -6.43 2.34
C ALA A 36 28.08 -6.53 3.80
N ASP A 37 27.39 -5.53 4.35
CA ASP A 37 26.88 -5.59 5.72
C ASP A 37 25.76 -4.57 5.81
N GLY A 38 24.99 -4.65 6.91
CA GLY A 38 23.84 -3.77 7.06
C GLY A 38 24.14 -2.28 7.15
N PHE A 39 25.27 -1.90 7.78
CA PHE A 39 25.59 -0.48 7.87
C PHE A 39 25.92 0.09 6.49
N GLU A 40 26.69 -0.66 5.70
CA GLU A 40 26.93 -0.26 4.33
C GLU A 40 25.64 -0.17 3.54
N ALA A 41 24.73 -1.13 3.74
CA ALA A 41 23.47 -1.10 2.99
C ALA A 41 22.62 0.12 3.33
N ILE A 42 22.53 0.46 4.61
CA ILE A 42 21.82 1.68 4.98
C ILE A 42 22.45 2.91 4.31
N GLU A 43 23.77 3.04 4.40
CA GLU A 43 24.43 4.20 3.84
C GLU A 43 24.25 4.30 2.32
N VAL A 44 24.46 3.19 1.63
CA VAL A 44 24.27 3.16 0.19
C VAL A 44 22.85 3.56 -0.19
N CYS A 45 21.86 3.01 0.48
CA CYS A 45 20.50 3.41 0.16
C CYS A 45 20.25 4.90 0.42
N LYS A 46 20.82 5.43 1.51
CA LYS A 46 20.64 6.86 1.76
C LYS A 46 21.24 7.71 0.65
N LYS A 47 22.40 7.32 0.12
CA LYS A 47 22.92 8.08 -1.02
C LYS A 47 22.13 7.85 -2.31
N THR A 48 21.92 6.58 -2.70
CA THR A 48 21.32 6.22 -3.99
C THR A 48 19.79 6.36 -4.08
N GLN A 49 19.05 6.16 -2.99
CA GLN A 49 17.59 6.06 -3.00
C GLN A 49 17.03 5.15 -4.12
N PRO A 50 17.36 3.86 -4.07
CA PRO A 50 16.98 2.93 -5.14
C PRO A 50 15.51 2.55 -5.15
N ASP A 51 15.09 2.01 -6.30
CA ASP A 51 13.74 1.44 -6.36
C ASP A 51 13.61 0.11 -5.62
N LEU A 52 14.67 -0.70 -5.61
CA LEU A 52 14.70 -1.97 -4.89
C LEU A 52 16.06 -2.18 -4.24
N VAL A 53 16.08 -2.77 -3.04
CA VAL A 53 17.27 -3.39 -2.47
C VAL A 53 17.09 -4.90 -2.28
N LEU A 54 17.95 -5.67 -2.96
CA LEU A 54 18.09 -7.12 -2.79
C LEU A 54 19.05 -7.39 -1.63
N MET A 55 18.55 -8.01 -0.56
CA MET A 55 19.30 -8.13 0.68
C MET A 55 19.34 -9.56 1.20
N ASP A 56 20.55 -10.06 1.46
CA ASP A 56 20.71 -11.24 2.30
C ASP A 56 20.36 -10.87 3.75
N ILE A 57 19.76 -11.84 4.46
CA ILE A 57 19.53 -11.69 5.90
C ILE A 57 20.82 -11.96 6.68
N GLN A 58 21.46 -13.09 6.43
CA GLN A 58 22.67 -13.47 7.14
C GLN A 58 23.87 -12.64 6.68
N MET A 59 24.27 -11.66 7.49
CA MET A 59 25.46 -10.85 7.27
C MET A 59 26.16 -10.57 8.59
N PRO A 60 27.47 -10.33 8.55
CA PRO A 60 28.17 -9.89 9.77
C PRO A 60 27.97 -8.40 10.07
N ILE A 61 28.39 -8.04 11.28
CA ILE A 61 28.35 -6.67 11.77
C ILE A 61 26.92 -6.19 11.99
N LEU A 62 26.12 -6.16 10.92
CA LEU A 62 24.69 -5.89 11.07
C LEU A 62 23.91 -6.68 10.03
N ASP A 63 22.90 -7.43 10.47
CA ASP A 63 22.12 -8.31 9.60
C ASP A 63 21.10 -7.54 8.75
N GLY A 64 20.55 -8.28 7.78
CA GLY A 64 19.64 -7.71 6.81
C GLY A 64 18.29 -7.27 7.36
N LEU A 65 17.79 -7.95 8.39
CA LEU A 65 16.49 -7.57 8.92
C LEU A 65 16.53 -6.24 9.65
N LYS A 66 17.55 -6.03 10.49
CA LYS A 66 17.73 -4.74 11.15
C LYS A 66 17.98 -3.61 10.13
N ALA A 67 18.86 -3.86 9.16
CA ALA A 67 19.09 -2.85 8.14
C ALA A 67 17.82 -2.57 7.35
N GLY A 68 17.07 -3.61 7.02
CA GLY A 68 15.84 -3.40 6.29
C GLY A 68 14.80 -2.61 7.06
N LYS A 69 14.63 -2.95 8.33
CA LYS A 69 13.75 -2.19 9.25
C LYS A 69 14.14 -0.72 9.21
N LYS A 70 15.44 -0.37 9.19
CA LYS A 70 15.92 1.02 9.13
C LYS A 70 15.57 1.61 7.76
N ILE A 71 15.79 0.85 6.69
CA ILE A 71 15.53 1.33 5.33
C ILE A 71 14.05 1.63 5.09
N VAL A 72 13.17 0.77 5.58
CA VAL A 72 11.74 1.06 5.48
C VAL A 72 11.38 2.27 6.34
N GLN A 73 11.81 2.27 7.60
CA GLN A 73 11.41 3.34 8.51
C GLN A 73 11.73 4.73 7.94
N ASP A 74 12.94 4.94 7.42
CA ASP A 74 13.36 6.25 6.94
C ASP A 74 13.20 6.38 5.43
N GLN A 75 12.45 5.45 4.81
CA GLN A 75 12.15 5.43 3.36
C GLN A 75 13.37 5.60 2.45
N LEU A 76 14.41 4.83 2.76
CA LEU A 76 15.66 4.87 2.02
C LEU A 76 15.60 4.07 0.72
N ALA A 77 14.58 3.21 0.55
CA ALA A 77 14.37 2.50 -0.71
C ALA A 77 12.87 2.31 -0.89
N SER A 78 12.44 2.17 -2.15
CA SER A 78 11.03 1.94 -2.39
C SER A 78 10.58 0.50 -2.10
N SER A 79 11.46 -0.49 -2.22
CA SER A 79 11.07 -1.87 -1.89
C SER A 79 12.26 -2.67 -1.41
N ILE A 80 11.99 -3.70 -0.61
CA ILE A 80 13.00 -4.68 -0.18
C ILE A 80 12.57 -6.09 -0.56
N VAL A 81 13.49 -6.86 -1.15
CA VAL A 81 13.37 -8.31 -1.32
C VAL A 81 14.53 -9.02 -0.62
N PHE A 82 14.21 -9.98 0.26
CA PHE A 82 15.20 -10.78 0.98
C PHE A 82 15.63 -12.06 0.26
N LEU A 83 16.93 -12.37 0.35
CA LEU A 83 17.56 -13.51 -0.31
C LEU A 83 18.40 -14.34 0.67
N SER A 84 17.77 -15.28 1.37
CA SER A 84 18.42 -16.04 2.43
C SER A 84 18.39 -17.54 2.19
N ALA A 85 19.45 -18.21 2.68
CA ALA A 85 19.40 -19.67 2.80
C ALA A 85 18.41 -20.14 3.84
N TYR A 86 17.91 -19.26 4.68
CA TYR A 86 16.96 -19.59 5.74
C TYR A 86 15.57 -19.11 5.40
N SER A 87 14.59 -19.96 5.70
CA SER A 87 13.20 -19.70 5.36
C SER A 87 12.25 -19.98 6.53
N ASP A 88 12.80 -20.09 7.74
CA ASP A 88 12.03 -20.38 8.94
C ASP A 88 11.07 -19.25 9.32
N VAL A 89 10.10 -19.60 10.17
CA VAL A 89 9.01 -18.71 10.55
C VAL A 89 9.49 -17.46 11.31
N GLN A 90 10.55 -17.56 12.08
CA GLN A 90 11.01 -16.36 12.78
C GLN A 90 11.59 -15.32 11.81
N ASN A 91 12.45 -15.75 10.90
CA ASN A 91 12.98 -14.82 9.90
C ASN A 91 11.89 -14.30 8.96
N THR A 92 10.97 -15.17 8.51
CA THR A 92 9.90 -14.66 7.66
C THR A 92 8.93 -13.76 8.40
N ASP A 93 8.59 -14.07 9.67
CA ASP A 93 7.77 -13.13 10.42
C ASP A 93 8.43 -11.76 10.54
N LYS A 94 9.73 -11.72 10.83
CA LYS A 94 10.39 -10.43 10.94
C LYS A 94 10.40 -9.71 9.59
N ALA A 95 10.73 -10.44 8.51
CA ALA A 95 10.76 -9.80 7.19
C ALA A 95 9.41 -9.22 6.79
N LYS A 96 8.32 -9.96 7.01
CA LYS A 96 7.02 -9.45 6.62
C LYS A 96 6.61 -8.27 7.49
N LYS A 97 6.82 -8.37 8.81
CA LYS A 97 6.39 -7.26 9.66
C LYS A 97 7.16 -5.97 9.38
N LEU A 98 8.48 -6.05 9.14
CA LEU A 98 9.22 -4.84 8.83
C LEU A 98 8.75 -4.20 7.52
N GLY A 99 8.26 -5.02 6.59
CA GLY A 99 7.62 -4.50 5.39
C GLY A 99 8.16 -4.90 4.04
N ALA A 100 8.87 -6.02 4.00
CA ALA A 100 9.38 -6.55 2.75
C ALA A 100 8.26 -6.97 1.80
N LEU A 101 8.55 -6.82 0.51
CA LEU A 101 7.66 -7.18 -0.58
C LEU A 101 7.98 -8.54 -1.20
N GLY A 102 9.18 -9.06 -0.96
CA GLY A 102 9.57 -10.35 -1.52
C GLY A 102 10.52 -11.05 -0.58
N TYR A 103 10.44 -12.39 -0.55
CA TYR A 103 11.43 -13.24 0.12
C TYR A 103 11.65 -14.49 -0.72
N LEU A 104 12.90 -14.71 -1.13
CA LEU A 104 13.31 -15.79 -1.99
C LEU A 104 14.49 -16.49 -1.31
N VAL A 105 14.62 -17.80 -1.56
CA VAL A 105 15.42 -18.69 -0.72
C VAL A 105 16.54 -19.28 -1.56
N LYS A 106 17.77 -19.15 -1.04
CA LYS A 106 18.98 -19.63 -1.69
C LYS A 106 19.05 -21.16 -1.67
N PRO A 107 19.73 -21.77 -2.66
CA PRO A 107 20.27 -21.15 -3.88
C PRO A 107 19.16 -20.66 -4.80
N LEU A 108 19.36 -19.47 -5.34
CA LEU A 108 18.30 -18.72 -6.01
C LEU A 108 17.77 -19.44 -7.25
N ASP A 109 16.42 -19.56 -7.32
CA ASP A 109 15.71 -19.89 -8.55
C ASP A 109 15.70 -18.69 -9.50
N GLU A 110 16.71 -18.61 -10.37
CA GLU A 110 16.97 -17.39 -11.13
C GLU A 110 15.77 -16.95 -11.98
N LYS A 111 15.06 -17.91 -12.57
CA LYS A 111 13.90 -17.56 -13.40
C LYS A 111 12.81 -16.80 -12.65
N SER A 112 12.61 -17.07 -11.37
CA SER A 112 11.71 -16.26 -10.58
C SER A 112 12.26 -14.87 -10.27
N LEU A 113 13.57 -14.68 -10.24
CA LEU A 113 14.13 -13.41 -9.77
C LEU A 113 13.64 -12.20 -10.57
N ILE A 114 13.72 -12.23 -11.89
CA ILE A 114 13.30 -11.06 -12.68
C ILE A 114 11.82 -10.75 -12.47
N PRO A 115 10.90 -11.72 -12.57
CA PRO A 115 9.51 -11.40 -12.22
C PRO A 115 9.33 -10.81 -10.82
N THR A 116 10.01 -11.38 -9.81
CA THR A 116 9.84 -10.88 -8.47
C THR A 116 10.32 -9.44 -8.32
N ILE A 117 11.39 -9.10 -9.03
CA ILE A 117 11.84 -7.70 -9.04
C ILE A 117 10.77 -6.80 -9.64
N GLU A 118 10.22 -7.19 -10.79
CA GLU A 118 9.21 -6.34 -11.41
C GLU A 118 8.01 -6.10 -10.49
N MET A 119 7.48 -7.18 -9.91
CA MET A 119 6.37 -7.03 -8.97
C MET A 119 6.74 -6.13 -7.80
N SER A 120 7.89 -6.38 -7.16
CA SER A 120 8.24 -5.63 -5.96
C SER A 120 8.46 -4.15 -6.23
N ILE A 121 9.08 -3.80 -7.36
CA ILE A 121 9.24 -2.38 -7.67
C ILE A 121 7.88 -1.73 -7.88
N GLU A 122 6.99 -2.40 -8.63
CA GLU A 122 5.68 -1.80 -8.88
C GLU A 122 4.91 -1.61 -7.58
N ARG A 123 4.87 -2.65 -6.74
CA ARG A 123 4.15 -2.56 -5.47
C ARG A 123 4.77 -1.51 -4.53
N GLY A 124 6.09 -1.38 -4.52
CA GLY A 124 6.70 -0.37 -3.67
C GLY A 124 6.35 1.05 -4.08
N LYS A 125 6.41 1.33 -5.38
CA LYS A 125 6.02 2.65 -5.86
C LYS A 125 4.54 2.93 -5.58
N GLN A 126 3.67 1.95 -5.83
CA GLN A 126 2.27 2.10 -5.44
C GLN A 126 2.10 2.44 -3.96
N THR A 127 2.75 1.67 -3.08
CA THR A 127 2.60 1.90 -1.66
C THR A 127 3.08 3.29 -1.26
N GLN A 128 4.22 3.74 -1.82
CA GLN A 128 4.63 5.10 -1.55
C GLN A 128 3.59 6.13 -1.98
N LEU A 129 2.94 5.91 -3.12
CA LEU A 129 1.84 6.81 -3.49
C LEU A 129 0.71 6.81 -2.46
N LEU A 130 0.30 5.62 -2.00
CA LEU A 130 -0.76 5.57 -1.00
C LEU A 130 -0.39 6.33 0.29
N LEU A 131 0.82 6.06 0.80
CA LEU A 131 1.29 6.76 1.98
C LEU A 131 1.36 8.28 1.79
N SER A 132 1.80 8.73 0.62
CA SER A 132 1.77 10.16 0.32
C SER A 132 0.36 10.72 0.33
N GLN A 133 -0.59 10.01 -0.30
CA GLN A 133 -1.96 10.49 -0.27
C GLN A 133 -2.50 10.59 1.16
N ILE A 134 -2.23 9.58 1.98
CA ILE A 134 -2.68 9.61 3.37
C ILE A 134 -2.10 10.83 4.10
N ASP A 135 -0.81 11.10 3.91
CA ASP A 135 -0.20 12.23 4.60
C ASP A 135 -0.76 13.57 4.11
N LYS A 136 -0.96 13.72 2.80
CA LYS A 136 -1.57 14.94 2.28
C LYS A 136 -2.97 15.17 2.84
N LEU A 137 -3.81 14.14 2.78
CA LEU A 137 -5.17 14.26 3.29
C LEU A 137 -5.18 14.55 4.79
N SER A 138 -4.34 13.87 5.56
CA SER A 138 -4.28 14.12 6.98
C SER A 138 -3.84 15.55 7.30
N LEU A 139 -2.80 16.05 6.63
CA LEU A 139 -2.38 17.43 6.88
C LEU A 139 -3.50 18.43 6.56
N LYS A 140 -4.16 18.26 5.41
CA LYS A 140 -5.26 19.17 5.09
C LYS A 140 -6.39 19.10 6.12
N LEU A 141 -6.73 17.89 6.55
CA LEU A 141 -7.80 17.75 7.54
C LEU A 141 -7.41 18.32 8.90
N GLU A 142 -6.18 18.09 9.35
CA GLU A 142 -5.75 18.68 10.61
C GLU A 142 -5.69 20.21 10.53
N GLU A 143 -5.28 20.78 9.40
CA GLU A 143 -5.32 22.24 9.29
C GLU A 143 -6.76 22.76 9.41
N ARG A 144 -7.70 22.15 8.69
CA ARG A 144 -9.09 22.53 8.87
C ARG A 144 -9.54 22.40 10.33
N LYS A 145 -9.22 21.28 10.98
CA LYS A 145 -9.66 21.07 12.37
C LYS A 145 -9.07 22.09 13.34
N ILE A 146 -7.78 22.37 13.24
CA ILE A 146 -7.19 23.31 14.19
C ILE A 146 -7.71 24.72 13.93
N ILE A 147 -7.93 25.08 12.67
CA ILE A 147 -8.55 26.39 12.42
C ILE A 147 -9.97 26.46 12.98
N GLU A 148 -10.77 25.40 12.79
CA GLU A 148 -12.11 25.36 13.40
C GLU A 148 -12.05 25.54 14.92
N LYS A 149 -11.15 24.81 15.57
CA LYS A 149 -11.00 24.92 17.02
C LYS A 149 -10.59 26.32 17.45
N ALA A 150 -9.61 26.90 16.76
CA ALA A 150 -9.19 28.26 17.09
C ALA A 150 -10.32 29.27 16.90
N LYS A 151 -11.06 29.16 15.80
CA LYS A 151 -12.21 30.03 15.61
C LYS A 151 -13.18 29.95 16.78
N GLY A 152 -13.52 28.72 17.22
CA GLY A 152 -14.45 28.62 18.33
C GLY A 152 -13.90 29.18 19.63
N ILE A 153 -12.60 29.06 19.84
CA ILE A 153 -12.00 29.66 21.02
C ILE A 153 -12.11 31.18 20.98
N LEU A 154 -11.74 31.77 19.85
CA LEU A 154 -11.85 33.22 19.73
C LEU A 154 -13.29 33.71 19.88
N VAL A 155 -14.24 33.00 19.28
CA VAL A 155 -15.65 33.34 19.49
C VAL A 155 -16.02 33.34 20.97
N LYS A 156 -15.68 32.28 21.69
CA LYS A 156 -16.08 32.19 23.08
C LYS A 156 -15.38 33.22 23.96
N GLU A 157 -14.08 33.48 23.72
CA GLU A 157 -13.40 34.47 24.56
C GLU A 157 -13.81 35.90 24.25
N ASN A 158 -13.74 36.30 22.95
CA ASN A 158 -14.05 37.66 22.51
C ASN A 158 -15.54 37.98 22.48
N HIS A 159 -16.40 36.98 22.27
CA HIS A 159 -17.81 37.21 21.95
C HIS A 159 -18.03 37.88 20.58
N ILE A 160 -17.19 37.52 19.61
CA ILE A 160 -17.29 37.87 18.20
C ILE A 160 -18.00 36.77 17.43
N SER A 161 -18.36 37.04 16.17
CA SER A 161 -18.89 36.03 15.29
C SER A 161 -17.79 35.14 14.72
N GLU A 162 -18.21 33.96 14.22
CA GLU A 162 -17.28 33.05 13.56
C GLU A 162 -16.61 33.69 12.35
N GLU A 163 -17.34 34.53 11.61
CA GLU A 163 -16.74 35.24 10.49
C GLU A 163 -15.59 36.16 10.93
N GLU A 164 -15.83 36.92 12.00
CA GLU A 164 -14.82 37.85 12.52
C GLU A 164 -13.64 37.10 13.12
N ALA A 165 -13.91 35.97 13.78
CA ALA A 165 -12.81 35.12 14.23
C ALA A 165 -11.91 34.65 13.08
N TYR A 166 -12.53 34.19 11.99
CA TYR A 166 -11.70 33.80 10.86
C TYR A 166 -10.89 34.96 10.30
N GLN A 167 -11.51 36.12 10.13
CA GLN A 167 -10.72 37.27 9.72
C GLN A 167 -9.61 37.64 10.70
N MET A 168 -9.81 37.45 12.00
CA MET A 168 -8.66 37.62 12.92
C MET A 168 -7.52 36.66 12.59
N LEU A 169 -7.85 35.38 12.42
CA LEU A 169 -6.80 34.43 12.08
C LEU A 169 -6.12 34.80 10.75
N ARG A 170 -6.90 35.24 9.76
CA ARG A 170 -6.31 35.67 8.48
C ARG A 170 -5.37 36.86 8.66
N THR A 171 -5.84 37.88 9.37
CA THR A 171 -5.01 39.07 9.55
C THR A 171 -3.72 38.75 10.29
N LEU A 172 -3.82 37.95 11.35
CA LEU A 172 -2.63 37.49 12.04
C LEU A 172 -1.70 36.73 11.10
N SER A 173 -2.24 35.76 10.36
CA SER A 173 -1.40 34.96 9.48
C SER A 173 -0.63 35.85 8.48
N MET A 174 -1.34 36.76 7.83
CA MET A 174 -0.70 37.59 6.81
C MET A 174 0.27 38.62 7.40
N ASN A 175 -0.08 39.19 8.56
CA ASN A 175 0.84 40.16 9.15
C ASN A 175 2.08 39.49 9.73
N LYS A 176 1.92 38.32 10.34
CA LYS A 176 3.05 37.60 10.90
C LYS A 176 3.81 36.77 9.86
N ARG A 177 3.32 36.74 8.62
CA ARG A 177 3.85 35.88 7.54
C ARG A 177 3.95 34.42 7.96
N ALA A 178 2.91 33.93 8.65
CA ALA A 178 2.85 32.60 9.23
C ALA A 178 1.72 31.81 8.57
N ARG A 179 1.84 30.48 8.63
CA ARG A 179 0.70 29.65 8.23
C ARG A 179 -0.45 29.86 9.21
N MET A 180 -1.67 29.87 8.67
CA MET A 180 -2.83 30.01 9.55
C MET A 180 -2.93 28.86 10.56
N SER A 181 -2.54 27.65 10.19
CA SER A 181 -2.41 26.58 11.17
C SER A 181 -1.39 26.87 12.27
N GLU A 182 -0.30 27.57 11.98
CA GLU A 182 0.64 27.90 13.06
C GLU A 182 0.06 28.92 14.04
N ILE A 183 -0.64 29.92 13.52
CA ILE A 183 -1.38 30.83 14.38
C ILE A 183 -2.42 30.09 15.20
N ALA A 184 -3.20 29.24 14.54
CA ALA A 184 -4.24 28.51 15.25
C ALA A 184 -3.69 27.60 16.34
N GLU A 185 -2.57 26.94 16.07
CA GLU A 185 -1.90 26.17 17.11
C GLU A 185 -1.57 27.05 18.31
N LEU A 186 -1.11 28.28 18.07
CA LEU A 186 -0.84 29.16 19.21
C LEU A 186 -2.10 29.61 19.93
N ILE A 187 -3.18 29.87 19.19
CA ILE A 187 -4.45 30.19 19.84
C ILE A 187 -4.97 29.05 20.71
N VAL A 188 -4.82 27.81 20.25
CA VAL A 188 -5.37 26.67 20.99
C VAL A 188 -4.56 26.32 22.24
N MET A 189 -3.24 26.17 22.11
CA MET A 189 -2.31 25.95 23.22
C MET A 189 -2.84 25.06 24.35
N ASP A 190 -3.32 23.87 23.96
CA ASP A 190 -3.92 22.82 24.82
C ASP A 190 -5.14 23.27 25.63
N ASP A 191 -5.82 24.30 25.16
CA ASP A 191 -7.21 24.58 25.50
C ASP A 191 -8.15 23.45 25.05
N ASN B 2 0.66 -23.62 12.90
CA ASN B 2 1.88 -23.31 12.13
C ASN B 2 1.62 -22.06 11.29
N MET B 3 1.87 -22.06 9.99
CA MET B 3 1.62 -20.88 9.17
C MET B 3 0.13 -20.60 9.08
N ASP B 4 -0.23 -19.32 9.25
CA ASP B 4 -1.63 -18.92 9.24
C ASP B 4 -2.02 -18.15 7.97
N GLY B 5 -3.12 -18.60 7.34
CA GLY B 5 -3.69 -17.94 6.19
C GLY B 5 -4.72 -18.78 5.43
N ARG B 6 -5.66 -18.08 4.77
CA ARG B 6 -6.72 -18.71 3.98
C ARG B 6 -6.40 -18.56 2.49
N ILE B 7 -6.16 -19.70 1.82
CA ILE B 7 -5.61 -19.75 0.46
C ILE B 7 -6.63 -20.33 -0.51
N VAL B 8 -6.74 -19.74 -1.71
CA VAL B 8 -7.40 -20.34 -2.87
C VAL B 8 -6.34 -20.71 -3.92
N ILE B 9 -6.44 -21.94 -4.44
CA ILE B 9 -5.53 -22.48 -5.47
C ILE B 9 -6.23 -22.56 -6.82
N VAL B 10 -5.64 -21.92 -7.82
CA VAL B 10 -6.21 -21.79 -9.17
C VAL B 10 -5.20 -22.29 -10.20
N ASP B 11 -5.44 -23.49 -10.75
CA ASP B 11 -4.64 -24.03 -11.85
C ASP B 11 -5.49 -25.05 -12.61
N ASP B 12 -5.34 -25.08 -13.94
CA ASP B 12 -6.11 -25.97 -14.79
C ASP B 12 -5.63 -27.41 -14.77
N GLU B 13 -4.37 -27.65 -14.37
CA GLU B 13 -3.83 -29.01 -14.26
C GLU B 13 -4.10 -29.60 -12.87
N PRO B 14 -5.00 -30.57 -12.72
CA PRO B 14 -5.39 -31.01 -11.35
C PRO B 14 -4.25 -31.48 -10.46
N ILE B 15 -3.28 -32.21 -11.01
CA ILE B 15 -2.18 -32.71 -10.20
C ILE B 15 -1.32 -31.57 -9.68
N THR B 16 -1.18 -30.49 -10.45
CA THR B 16 -0.46 -29.33 -9.93
C THR B 16 -1.20 -28.67 -8.78
N ARG B 17 -2.53 -28.59 -8.85
CA ARG B 17 -3.27 -28.12 -7.70
C ARG B 17 -3.06 -29.01 -6.48
N LEU B 18 -3.11 -30.33 -6.67
CA LEU B 18 -2.93 -31.23 -5.52
C LEU B 18 -1.51 -31.11 -4.92
N ASP B 19 -0.49 -30.97 -5.77
CA ASP B 19 0.87 -30.78 -5.26
C ASP B 19 0.99 -29.49 -4.44
N ILE B 20 0.45 -28.38 -4.99
CA ILE B 20 0.46 -27.14 -4.24
C ILE B 20 -0.35 -27.26 -2.95
N ARG B 21 -1.51 -27.91 -3.02
CA ARG B 21 -2.33 -28.13 -1.84
C ARG B 21 -1.56 -28.85 -0.75
N ASP B 22 -0.86 -29.93 -1.11
CA ASP B 22 -0.07 -30.64 -0.11
C ASP B 22 0.98 -29.73 0.51
N ILE B 23 1.67 -28.95 -0.33
CA ILE B 23 2.71 -28.08 0.22
C ILE B 23 2.13 -27.07 1.22
N VAL B 24 1.07 -26.37 0.84
CA VAL B 24 0.56 -25.36 1.76
C VAL B 24 -0.13 -25.94 2.98
N ILE B 25 -0.76 -27.11 2.86
CA ILE B 25 -1.36 -27.74 4.04
C ILE B 25 -0.30 -28.26 5.01
N GLU B 26 0.80 -28.82 4.49
CA GLU B 26 1.89 -29.19 5.37
C GLU B 26 2.48 -27.98 6.09
N ALA B 27 2.49 -26.80 5.44
CA ALA B 27 2.84 -25.57 6.13
C ALA B 27 1.80 -25.13 7.15
N GLY B 28 0.58 -25.65 7.06
CA GLY B 28 -0.48 -25.33 7.99
C GLY B 28 -1.47 -24.27 7.55
N TYR B 29 -1.35 -23.76 6.30
CA TYR B 29 -2.39 -22.90 5.73
C TYR B 29 -3.69 -23.68 5.53
N GLU B 30 -4.80 -22.94 5.54
CA GLU B 30 -6.11 -23.47 5.21
C GLU B 30 -6.41 -23.18 3.74
N VAL B 31 -6.61 -24.24 2.96
CA VAL B 31 -7.04 -24.10 1.57
C VAL B 31 -8.57 -24.04 1.52
N VAL B 32 -9.10 -22.81 1.47
CA VAL B 32 -10.55 -22.59 1.54
C VAL B 32 -11.26 -22.83 0.21
N GLY B 33 -10.53 -22.94 -0.90
CA GLY B 33 -11.19 -23.31 -2.15
C GLY B 33 -10.19 -23.60 -3.25
N GLU B 34 -10.71 -24.14 -4.37
CA GLU B 34 -9.92 -24.43 -5.57
C GLU B 34 -10.68 -24.08 -6.84
N ALA B 35 -9.93 -23.79 -7.91
CA ALA B 35 -10.55 -23.50 -9.21
C ALA B 35 -9.69 -23.95 -10.39
N ALA B 36 -10.35 -24.20 -11.52
CA ALA B 36 -9.68 -24.63 -12.74
C ALA B 36 -9.76 -23.65 -13.91
N ASP B 37 -10.47 -22.52 -13.75
CA ASP B 37 -10.55 -21.49 -14.78
C ASP B 37 -10.93 -20.19 -14.09
N GLY B 38 -10.77 -19.09 -14.83
CA GLY B 38 -11.02 -17.78 -14.24
C GLY B 38 -12.42 -17.54 -13.69
N PHE B 39 -13.44 -18.13 -14.33
CA PHE B 39 -14.79 -17.94 -13.83
C PHE B 39 -14.95 -18.61 -12.46
N GLU B 40 -14.48 -19.85 -12.34
CA GLU B 40 -14.44 -20.51 -11.03
C GLU B 40 -13.60 -19.73 -10.03
N ALA B 41 -12.47 -19.16 -10.46
CA ALA B 41 -11.63 -18.42 -9.53
C ALA B 41 -12.36 -17.22 -8.95
N ILE B 42 -13.02 -16.44 -9.80
CA ILE B 42 -13.79 -15.30 -9.30
C ILE B 42 -14.89 -15.77 -8.35
N GLU B 43 -15.63 -16.80 -8.74
CA GLU B 43 -16.72 -17.32 -7.91
C GLU B 43 -16.23 -17.78 -6.53
N VAL B 44 -15.18 -18.60 -6.50
CA VAL B 44 -14.68 -19.10 -5.24
C VAL B 44 -14.14 -17.97 -4.36
N CYS B 45 -13.35 -17.06 -4.94
CA CYS B 45 -12.87 -15.95 -4.14
C CYS B 45 -14.01 -15.07 -3.59
N LYS B 46 -15.02 -14.79 -4.41
CA LYS B 46 -16.15 -14.03 -3.87
C LYS B 46 -16.74 -14.73 -2.66
N LYS B 47 -16.95 -16.04 -2.75
CA LYS B 47 -17.56 -16.73 -1.61
C LYS B 47 -16.63 -16.78 -0.40
N THR B 48 -15.39 -17.26 -0.58
CA THR B 48 -14.46 -17.49 0.52
C THR B 48 -13.78 -16.24 1.09
N GLN B 49 -13.55 -15.21 0.27
CA GLN B 49 -12.82 -14.02 0.67
C GLN B 49 -11.42 -14.31 1.23
N PRO B 50 -10.56 -14.95 0.46
CA PRO B 50 -9.25 -15.39 0.93
C PRO B 50 -8.28 -14.26 1.28
N ASP B 51 -7.24 -14.67 2.03
CA ASP B 51 -6.06 -13.84 2.16
C ASP B 51 -5.20 -13.87 0.89
N LEU B 52 -5.14 -14.99 0.18
CA LEU B 52 -4.29 -15.10 -1.01
C LEU B 52 -4.89 -16.01 -2.07
N VAL B 53 -4.69 -15.65 -3.35
CA VAL B 53 -4.92 -16.53 -4.50
C VAL B 53 -3.62 -16.91 -5.19
N LEU B 54 -3.33 -18.22 -5.25
CA LEU B 54 -2.30 -18.78 -6.14
C LEU B 54 -2.90 -19.09 -7.52
N MET B 55 -2.41 -18.43 -8.58
CA MET B 55 -3.03 -18.52 -9.90
C MET B 55 -2.00 -18.62 -11.04
N ASP B 56 -2.24 -19.53 -11.99
CA ASP B 56 -1.58 -19.48 -13.29
C ASP B 56 -2.18 -18.36 -14.13
N ILE B 57 -1.32 -17.61 -14.85
CA ILE B 57 -1.86 -16.63 -15.80
C ILE B 57 -2.61 -17.27 -16.96
N GLN B 58 -2.26 -18.49 -17.35
CA GLN B 58 -2.85 -19.14 -18.52
C GLN B 58 -3.78 -20.26 -18.08
N MET B 59 -5.05 -20.15 -18.47
CA MET B 59 -6.07 -21.18 -18.22
C MET B 59 -7.10 -21.16 -19.32
N PRO B 60 -7.78 -22.27 -19.56
CA PRO B 60 -8.93 -22.27 -20.48
C PRO B 60 -10.06 -21.32 -20.08
N ILE B 61 -10.88 -21.01 -21.08
CA ILE B 61 -12.11 -20.22 -20.95
C ILE B 61 -11.87 -18.78 -20.52
N LEU B 62 -11.27 -18.57 -19.35
CA LEU B 62 -10.94 -17.22 -18.91
C LEU B 62 -9.59 -17.26 -18.20
N ASP B 63 -8.63 -16.52 -18.74
CA ASP B 63 -7.26 -16.49 -18.25
C ASP B 63 -7.12 -15.83 -16.87
N GLY B 64 -5.97 -16.14 -16.24
CA GLY B 64 -5.69 -15.69 -14.90
C GLY B 64 -5.50 -14.20 -14.74
N LEU B 65 -4.99 -13.52 -15.77
CA LEU B 65 -4.83 -12.08 -15.65
C LEU B 65 -6.17 -11.36 -15.60
N LYS B 66 -7.10 -11.72 -16.51
CA LYS B 66 -8.43 -11.15 -16.44
C LYS B 66 -9.16 -11.48 -15.13
N ALA B 67 -9.07 -12.74 -14.68
CA ALA B 67 -9.65 -13.09 -13.38
C ALA B 67 -9.01 -12.29 -12.25
N GLY B 68 -7.68 -12.14 -12.28
CA GLY B 68 -7.02 -11.37 -11.26
C GLY B 68 -7.43 -9.90 -11.26
N LYS B 69 -7.55 -9.31 -12.45
CA LYS B 69 -8.03 -7.93 -12.54
C LYS B 69 -9.36 -7.79 -11.84
N LYS B 70 -10.29 -8.71 -12.12
CA LYS B 70 -11.57 -8.66 -11.42
C LYS B 70 -11.41 -8.83 -9.90
N ILE B 71 -10.63 -9.82 -9.48
CA ILE B 71 -10.47 -10.10 -8.05
C ILE B 71 -9.91 -8.92 -7.28
N VAL B 72 -8.90 -8.25 -7.82
CA VAL B 72 -8.40 -7.05 -7.17
C VAL B 72 -9.45 -5.94 -7.21
N GLN B 73 -10.05 -5.74 -8.37
CA GLN B 73 -10.98 -4.63 -8.56
C GLN B 73 -12.14 -4.68 -7.57
N ASP B 74 -12.69 -5.86 -7.31
CA ASP B 74 -13.75 -6.02 -6.32
C ASP B 74 -13.23 -6.47 -4.95
N GLN B 75 -11.90 -6.51 -4.76
CA GLN B 75 -11.26 -6.89 -3.49
C GLN B 75 -11.75 -8.22 -2.91
N LEU B 76 -11.84 -9.21 -3.80
CA LEU B 76 -12.32 -10.54 -3.42
C LEU B 76 -11.24 -11.35 -2.71
N ALA B 77 -9.97 -10.92 -2.78
CA ALA B 77 -8.88 -11.55 -2.04
C ALA B 77 -7.87 -10.47 -1.67
N SER B 78 -7.20 -10.66 -0.53
CA SER B 78 -6.25 -9.64 -0.11
C SER B 78 -4.97 -9.61 -0.96
N SER B 79 -4.58 -10.75 -1.55
CA SER B 79 -3.40 -10.75 -2.40
C SER B 79 -3.50 -11.82 -3.48
N ILE B 80 -2.81 -11.58 -4.61
CA ILE B 80 -2.66 -12.56 -5.69
C ILE B 80 -1.18 -12.80 -5.95
N VAL B 81 -0.80 -14.09 -6.02
CA VAL B 81 0.53 -14.52 -6.49
C VAL B 81 0.35 -15.41 -7.72
N PHE B 82 0.97 -15.02 -8.85
CA PHE B 82 0.98 -15.83 -10.06
C PHE B 82 2.04 -16.93 -10.03
N LEU B 83 1.68 -18.09 -10.59
CA LEU B 83 2.56 -19.25 -10.76
C LEU B 83 2.41 -19.74 -12.20
N SER B 84 3.39 -19.47 -13.07
CA SER B 84 3.21 -19.80 -14.48
C SER B 84 4.52 -20.18 -15.15
N ALA B 85 4.38 -21.04 -16.17
CA ALA B 85 5.50 -21.31 -17.06
C ALA B 85 5.86 -20.09 -17.91
N TYR B 86 4.97 -19.13 -18.06
CA TYR B 86 5.23 -17.95 -18.86
C TYR B 86 5.80 -16.82 -17.99
N SER B 87 6.85 -16.16 -18.51
CA SER B 87 7.51 -15.11 -17.73
C SER B 87 8.03 -13.98 -18.60
N ASP B 88 7.49 -13.81 -19.81
CA ASP B 88 7.81 -12.69 -20.70
C ASP B 88 7.34 -11.35 -20.11
N VAL B 89 8.00 -10.27 -20.57
CA VAL B 89 7.73 -8.93 -20.06
C VAL B 89 6.27 -8.49 -20.27
N GLN B 90 5.65 -8.91 -21.37
CA GLN B 90 4.26 -8.48 -21.58
C GLN B 90 3.32 -9.06 -20.52
N ASN B 91 3.46 -10.36 -20.22
CA ASN B 91 2.67 -10.96 -19.16
C ASN B 91 3.01 -10.42 -17.77
N THR B 92 4.29 -10.22 -17.47
CA THR B 92 4.62 -9.66 -16.16
C THR B 92 4.17 -8.20 -16.03
N ASP B 93 4.20 -7.42 -17.12
CA ASP B 93 3.65 -6.07 -17.03
C ASP B 93 2.15 -6.07 -16.75
N LYS B 94 1.41 -6.99 -17.38
CA LYS B 94 0.00 -7.10 -17.03
C LYS B 94 -0.19 -7.51 -15.56
N ALA B 95 0.55 -8.52 -15.12
CA ALA B 95 0.39 -9.00 -13.74
C ALA B 95 0.69 -7.92 -12.71
N LYS B 96 1.79 -7.18 -12.90
CA LYS B 96 2.11 -6.13 -11.94
C LYS B 96 1.11 -4.98 -11.99
N LYS B 97 0.67 -4.57 -13.18
CA LYS B 97 -0.25 -3.44 -13.22
C LYS B 97 -1.62 -3.76 -12.63
N LEU B 98 -2.13 -5.00 -12.77
CA LEU B 98 -3.38 -5.33 -12.11
C LEU B 98 -3.27 -5.35 -10.58
N GLY B 99 -2.10 -5.68 -10.04
CA GLY B 99 -1.91 -5.59 -8.60
C GLY B 99 -1.31 -6.74 -7.84
N ALA B 100 -0.84 -7.74 -8.56
CA ALA B 100 -0.25 -8.93 -7.96
C ALA B 100 0.99 -8.59 -7.15
N LEU B 101 1.18 -9.36 -6.08
CA LEU B 101 2.22 -9.17 -5.08
C LEU B 101 3.38 -10.15 -5.28
N GLY B 102 3.19 -11.21 -6.09
CA GLY B 102 4.28 -12.11 -6.43
C GLY B 102 4.03 -12.82 -7.73
N TYR B 103 5.11 -13.34 -8.31
CA TYR B 103 5.06 -14.08 -9.59
C TYR B 103 6.26 -15.03 -9.67
N LEU B 104 6.02 -16.30 -9.33
CA LEU B 104 7.02 -17.35 -9.48
C LEU B 104 6.76 -18.12 -10.77
N VAL B 105 7.83 -18.61 -11.37
CA VAL B 105 7.82 -19.29 -12.67
C VAL B 105 7.92 -20.79 -12.46
N LYS B 106 7.02 -21.53 -13.14
CA LYS B 106 7.02 -22.99 -13.13
C LYS B 106 8.14 -23.55 -14.01
N PRO B 107 8.71 -24.71 -13.65
CA PRO B 107 8.40 -25.53 -12.47
C PRO B 107 8.78 -24.87 -11.15
N LEU B 108 7.90 -25.05 -10.16
CA LEU B 108 7.97 -24.32 -8.91
C LEU B 108 9.22 -24.65 -8.09
N ASP B 109 9.89 -23.59 -7.63
CA ASP B 109 10.84 -23.62 -6.50
C ASP B 109 10.09 -23.62 -5.16
N GLU B 110 9.78 -24.82 -4.68
CA GLU B 110 8.87 -24.98 -3.54
C GLU B 110 9.36 -24.24 -2.29
N LYS B 111 10.66 -24.21 -2.07
CA LYS B 111 11.21 -23.52 -0.91
C LYS B 111 10.88 -22.02 -0.90
N SER B 112 10.87 -21.40 -2.07
CA SER B 112 10.44 -20.02 -2.18
C SER B 112 8.94 -19.82 -1.97
N LEU B 113 8.11 -20.80 -2.28
CA LEU B 113 6.66 -20.58 -2.21
C LEU B 113 6.17 -20.12 -0.85
N ILE B 114 6.55 -20.81 0.22
CA ILE B 114 6.04 -20.43 1.55
C ILE B 114 6.47 -19.03 1.95
N PRO B 115 7.74 -18.65 1.86
CA PRO B 115 8.08 -17.23 2.13
C PRO B 115 7.34 -16.23 1.27
N THR B 116 7.15 -16.53 -0.02
CA THR B 116 6.43 -15.60 -0.89
C THR B 116 4.98 -15.45 -0.44
N ILE B 117 4.34 -16.55 -0.03
CA ILE B 117 2.99 -16.47 0.51
C ILE B 117 2.96 -15.56 1.74
N GLU B 118 3.88 -15.78 2.68
CA GLU B 118 3.88 -14.92 3.88
C GLU B 118 4.00 -13.44 3.52
N MET B 119 4.98 -13.10 2.69
CA MET B 119 5.14 -11.70 2.33
C MET B 119 3.87 -11.14 1.67
N SER B 120 3.33 -11.87 0.69
CA SER B 120 2.16 -11.38 -0.03
C SER B 120 0.93 -11.21 0.86
N ILE B 121 0.66 -12.16 1.76
CA ILE B 121 -0.47 -11.98 2.65
C ILE B 121 -0.31 -10.70 3.48
N GLU B 122 0.87 -10.52 4.10
CA GLU B 122 1.05 -9.36 4.95
C GLU B 122 0.93 -8.06 4.14
N ARG B 123 1.60 -7.98 3.00
CA ARG B 123 1.55 -6.78 2.17
C ARG B 123 0.14 -6.49 1.66
N GLY B 124 -0.60 -7.53 1.25
CA GLY B 124 -1.96 -7.32 0.81
C GLY B 124 -2.85 -6.73 1.89
N LYS B 125 -2.77 -7.27 3.10
CA LYS B 125 -3.60 -6.70 4.17
C LYS B 125 -3.15 -5.29 4.56
N GLN B 126 -1.84 -5.03 4.52
CA GLN B 126 -1.39 -3.63 4.68
C GLN B 126 -2.02 -2.72 3.64
N THR B 127 -2.02 -3.15 2.38
CA THR B 127 -2.55 -2.32 1.31
C THR B 127 -4.05 -2.06 1.50
N GLN B 128 -4.79 -3.10 1.88
CA GLN B 128 -6.21 -2.92 2.15
C GLN B 128 -6.44 -1.89 3.25
N LEU B 129 -5.64 -1.95 4.32
CA LEU B 129 -5.76 -0.95 5.36
C LEU B 129 -5.51 0.46 4.82
N LEU B 130 -4.43 0.63 4.05
CA LEU B 130 -4.13 1.96 3.53
C LEU B 130 -5.25 2.50 2.63
N LEU B 131 -5.84 1.63 1.79
CA LEU B 131 -6.94 2.09 0.94
C LEU B 131 -8.17 2.46 1.77
N SER B 132 -8.40 1.76 2.87
CA SER B 132 -9.49 2.14 3.75
C SER B 132 -9.24 3.49 4.40
N GLN B 133 -8.01 3.72 4.88
CA GLN B 133 -7.65 5.04 5.38
C GLN B 133 -7.90 6.14 4.35
N ILE B 134 -7.43 5.92 3.12
CA ILE B 134 -7.63 6.92 2.09
C ILE B 134 -9.12 7.21 1.88
N ASP B 135 -9.94 6.16 1.83
CA ASP B 135 -11.38 6.39 1.66
C ASP B 135 -11.95 7.26 2.78
N LYS B 136 -11.67 6.90 4.03
CA LYS B 136 -12.19 7.66 5.16
C LYS B 136 -11.73 9.12 5.14
N LEU B 137 -10.43 9.34 4.95
CA LEU B 137 -9.92 10.71 4.94
C LEU B 137 -10.52 11.53 3.79
N SER B 138 -10.59 10.93 2.61
CA SER B 138 -11.17 11.63 1.47
C SER B 138 -12.61 12.03 1.75
N LEU B 139 -13.38 11.09 2.31
CA LEU B 139 -14.77 11.40 2.63
C LEU B 139 -14.89 12.54 3.63
N LYS B 140 -14.14 12.48 4.73
CA LYS B 140 -14.22 13.55 5.71
C LYS B 140 -13.82 14.90 5.11
N LEU B 141 -12.78 14.94 4.30
CA LEU B 141 -12.38 16.20 3.69
C LEU B 141 -13.40 16.75 2.69
N GLU B 142 -13.90 15.89 1.79
CA GLU B 142 -14.92 16.36 0.88
C GLU B 142 -16.19 16.80 1.60
N GLU B 143 -16.60 16.09 2.66
CA GLU B 143 -17.76 16.55 3.43
C GLU B 143 -17.51 17.92 4.04
N ARG B 144 -16.32 18.16 4.61
CA ARG B 144 -16.03 19.50 5.08
C ARG B 144 -16.09 20.55 3.96
N LYS B 145 -15.55 20.22 2.79
CA LYS B 145 -15.55 21.19 1.69
C LYS B 145 -16.97 21.53 1.23
N ILE B 146 -17.80 20.52 1.03
CA ILE B 146 -19.16 20.79 0.56
C ILE B 146 -19.97 21.52 1.62
N ILE B 147 -19.81 21.16 2.89
CA ILE B 147 -20.52 21.90 3.93
C ILE B 147 -20.07 23.37 3.98
N GLU B 148 -18.77 23.63 3.82
CA GLU B 148 -18.30 25.02 3.77
C GLU B 148 -18.89 25.80 2.59
N LYS B 149 -18.93 25.18 1.42
CA LYS B 149 -19.53 25.84 0.27
C LYS B 149 -21.03 26.09 0.46
N ALA B 150 -21.75 25.09 0.96
CA ALA B 150 -23.16 25.29 1.26
C ALA B 150 -23.41 26.37 2.30
N LYS B 151 -22.57 26.42 3.34
CA LYS B 151 -22.66 27.52 4.29
C LYS B 151 -22.54 28.88 3.60
N GLY B 152 -21.54 29.03 2.74
CA GLY B 152 -21.41 30.30 2.04
C GLY B 152 -22.64 30.65 1.21
N ILE B 153 -23.17 29.67 0.50
CA ILE B 153 -24.37 29.90 -0.29
C ILE B 153 -25.54 30.31 0.59
N LEU B 154 -25.76 29.58 1.68
CA LEU B 154 -26.88 29.89 2.56
C LEU B 154 -26.76 31.27 3.19
N VAL B 155 -25.55 31.65 3.56
CA VAL B 155 -25.34 33.01 4.08
C VAL B 155 -25.71 34.04 3.03
N LYS B 156 -25.20 33.86 1.81
CA LYS B 156 -25.47 34.84 0.76
C LYS B 156 -26.96 34.90 0.43
N GLU B 157 -27.64 33.75 0.34
CA GLU B 157 -29.05 33.77 -0.05
C GLU B 157 -29.95 34.31 1.06
N ASN B 158 -29.85 33.76 2.29
CA ASN B 158 -30.67 34.15 3.45
C ASN B 158 -30.25 35.45 4.14
N HIS B 159 -28.96 35.84 4.10
CA HIS B 159 -28.44 36.92 4.96
C HIS B 159 -28.44 36.57 6.46
N ILE B 160 -28.04 35.33 6.71
CA ILE B 160 -27.85 34.77 8.05
C ILE B 160 -26.35 34.72 8.34
N SER B 161 -25.99 34.39 9.58
CA SER B 161 -24.61 34.10 9.94
C SER B 161 -24.19 32.69 9.53
N GLU B 162 -22.86 32.50 9.44
CA GLU B 162 -22.33 31.16 9.21
C GLU B 162 -22.79 30.15 10.27
N GLU B 163 -22.90 30.58 11.53
CA GLU B 163 -23.43 29.70 12.58
C GLU B 163 -24.87 29.29 12.29
N GLU B 164 -25.69 30.26 11.90
CA GLU B 164 -27.08 29.97 11.56
C GLU B 164 -27.17 29.08 10.32
N ALA B 165 -26.29 29.29 9.34
CA ALA B 165 -26.28 28.39 8.18
C ALA B 165 -25.93 26.95 8.56
N TYR B 166 -24.92 26.77 9.43
CA TYR B 166 -24.61 25.43 9.88
C TYR B 166 -25.77 24.80 10.64
N GLN B 167 -26.42 25.56 11.52
CA GLN B 167 -27.60 25.04 12.19
C GLN B 167 -28.74 24.71 11.21
N MET B 168 -28.91 25.48 10.13
CA MET B 168 -29.86 25.05 9.10
C MET B 168 -29.49 23.69 8.52
N LEU B 169 -28.23 23.53 8.12
CA LEU B 169 -27.82 22.27 7.54
C LEU B 169 -28.04 21.11 8.52
N ARG B 170 -27.67 21.33 9.78
CA ARG B 170 -27.87 20.32 10.81
C ARG B 170 -29.34 19.97 11.02
N THR B 171 -30.19 20.98 11.19
CA THR B 171 -31.59 20.69 11.45
C THR B 171 -32.27 20.00 10.27
N LEU B 172 -31.95 20.43 9.06
CA LEU B 172 -32.43 19.70 7.89
C LEU B 172 -31.96 18.25 7.91
N SER B 173 -30.67 18.02 8.17
CA SER B 173 -30.14 16.67 8.25
C SER B 173 -30.85 15.83 9.31
N MET B 174 -31.04 16.39 10.50
CA MET B 174 -31.72 15.67 11.56
C MET B 174 -33.15 15.31 11.17
N ASN B 175 -33.91 16.30 10.68
CA ASN B 175 -35.34 16.07 10.45
C ASN B 175 -35.59 15.16 9.26
N LYS B 176 -34.81 15.32 8.19
CA LYS B 176 -34.90 14.44 7.02
C LYS B 176 -34.28 13.06 7.28
N ARG B 177 -33.27 12.96 8.14
CA ARG B 177 -32.41 11.77 8.26
C ARG B 177 -31.61 11.49 6.99
N ALA B 178 -30.97 12.56 6.49
CA ALA B 178 -29.98 12.53 5.42
C ALA B 178 -28.73 13.21 5.95
N ARG B 179 -27.57 12.79 5.45
CA ARG B 179 -26.32 13.40 5.89
C ARG B 179 -26.20 14.84 5.42
N MET B 180 -25.54 15.64 6.27
CA MET B 180 -25.34 17.04 5.97
C MET B 180 -24.62 17.26 4.64
N SER B 181 -23.76 16.33 4.24
CA SER B 181 -23.16 16.41 2.91
C SER B 181 -24.16 16.22 1.77
N GLU B 182 -25.21 15.40 1.95
CA GLU B 182 -26.24 15.34 0.92
C GLU B 182 -27.11 16.60 0.89
N ILE B 183 -27.45 17.13 2.05
CA ILE B 183 -28.13 18.42 2.13
C ILE B 183 -27.30 19.50 1.42
N ALA B 184 -26.01 19.54 1.75
CA ALA B 184 -25.14 20.54 1.15
C ALA B 184 -25.02 20.37 -0.36
N GLU B 185 -24.91 19.13 -0.84
CA GLU B 185 -24.93 18.91 -2.28
C GLU B 185 -26.20 19.47 -2.93
N LEU B 186 -27.36 19.29 -2.29
CA LEU B 186 -28.56 19.89 -2.85
C LEU B 186 -28.54 21.42 -2.85
N ILE B 187 -27.94 22.03 -1.82
CA ILE B 187 -27.81 23.48 -1.83
C ILE B 187 -26.85 23.96 -2.92
N VAL B 188 -25.73 23.26 -3.11
CA VAL B 188 -24.66 23.67 -4.01
C VAL B 188 -24.98 23.50 -5.50
N MET B 189 -25.78 22.52 -5.85
CA MET B 189 -25.96 22.01 -7.23
C MET B 189 -25.97 23.13 -8.28
N ASP B 190 -25.20 23.00 -9.36
CA ASP B 190 -25.21 23.95 -10.50
C ASP B 190 -24.79 25.34 -10.06
N ASP B 191 -23.94 25.46 -9.03
CA ASP B 191 -23.35 26.76 -8.58
C ASP B 191 -21.83 26.55 -8.52
MG MG C . 25.16 -13.88 3.85
NA NA D . 2.57 23.73 3.86
NA NA E . 21.82 -17.75 -4.53
NA NA F . 0.28 13.50 8.85
NA NA G . 1.17 2.27 -8.96
C1 GOL H . -3.30 -6.62 -3.95
O1 GOL H . -2.23 -5.75 -4.07
C2 GOL H . -4.41 -6.02 -3.06
O2 GOL H . -4.14 -6.01 -1.68
C3 GOL H . -4.63 -4.55 -3.52
O3 GOL H . -5.77 -4.09 -2.84
H11 GOL H . -3.03 -7.47 -3.56
H12 GOL H . -3.69 -6.83 -4.81
HO1 GOL H . -1.92 -5.90 -4.81
H2 GOL H . -5.18 -6.58 -3.20
HO2 GOL H . -4.11 -6.80 -1.45
H31 GOL H . -3.84 -4.04 -3.33
H32 GOL H . -4.73 -4.54 -4.49
HO3 GOL H . -5.64 -4.26 -2.02
MG MG I . -2.18 -23.54 -17.30
NA NA J . -10.04 -9.62 0.03
NA NA K . 1.97 -3.27 1.29
NA NA L . -2.09 -3.65 -18.46
NA NA M . -7.98 -27.71 4.07
NA NA N . -15.79 30.52 7.50
NA NA O . -17.92 29.38 4.21
NA NA P . -9.36 -1.43 -1.10
#